data_8JUP
#
_entry.id   8JUP
#
_cell.length_a   71.140
_cell.length_b   71.140
_cell.length_c   167.980
_cell.angle_alpha   90.00
_cell.angle_beta   90.00
_cell.angle_gamma   120.00
#
_symmetry.space_group_name_H-M   'P 32 2 1'
#
loop_
_entity.id
_entity.type
_entity.pdbx_description
1 polymer 'LRR receptor-like serine/threonine-protein kinase FLS2'
2 non-polymer "ADENOSINE-5'-TRIPHOSPHATE"
3 non-polymer 'MAGNESIUM ION'
4 water water
#
_entity_poly.entity_id   1
_entity_poly.type   'polypeptide(L)'
_entity_poly.pdbx_seq_one_letter_code
;PELRRFSYGQLAAATNSFDQGNVIGSSNLSTVYKGVLAGDADGG(MSE)VVAVKRLNLEQFPSKSDKCFLTELATLSRLR
HKNLARVVGYAWEAGKIKALVLDY(MSE)VNGDLDGAIHGGAAAPPPAPSRWTVRERLRVCVSVAHGLVYLHSGYDFPVV
HCAVKPSNVLLDGDWEARVSDFGTAR(MSE)LGVHLPAAANAAAQSTATSSAFRGTVGY(MSE)APEFAY(MSE)RTVST
KVDVFSFGVLA(MSE)ELFTGRRPTGTIEEDGVPLTLQQLVDNAVSRGLDGVHAVLDPR(MSE)KVATEADLSTAADVLA
VALSCAAFEPADRPD(MSE)GAVLSSLLK(MSE)SKLVGEDSK
;
_entity_poly.pdbx_strand_id   A
#
# COMPACT_ATOMS: atom_id res chain seq x y z
N LEU A 3 -10.53 14.13 -16.66
CA LEU A 3 -11.11 12.79 -16.56
C LEU A 3 -11.80 12.34 -17.85
N ARG A 4 -11.05 11.68 -18.72
CA ARG A 4 -11.60 11.22 -19.99
C ARG A 4 -12.38 9.94 -19.80
N ARG A 5 -13.48 9.83 -20.54
CA ARG A 5 -14.21 8.58 -20.64
C ARG A 5 -13.74 7.82 -21.87
N PHE A 6 -13.44 6.54 -21.70
CA PHE A 6 -13.00 5.69 -22.78
C PHE A 6 -14.05 4.64 -23.10
N SER A 7 -14.04 4.17 -24.35
CA SER A 7 -14.87 3.09 -24.82
C SER A 7 -14.19 1.75 -24.58
N TYR A 8 -14.97 0.68 -24.63
CA TYR A 8 -14.40 -0.66 -24.62
C TYR A 8 -13.37 -0.80 -25.73
N GLY A 9 -13.74 -0.38 -26.94
CA GLY A 9 -12.84 -0.55 -28.08
C GLY A 9 -11.53 0.16 -27.87
N GLN A 10 -11.57 1.36 -27.30
CA GLN A 10 -10.34 2.11 -27.05
C GLN A 10 -9.45 1.39 -26.05
N LEU A 11 -10.04 0.86 -24.97
CA LEU A 11 -9.24 0.13 -23.99
C LEU A 11 -8.81 -1.22 -24.51
N ALA A 12 -9.68 -1.89 -25.29
CA ALA A 12 -9.24 -3.12 -25.96
C ALA A 12 -8.01 -2.87 -26.80
N ALA A 13 -8.05 -1.83 -27.64
CA ALA A 13 -6.91 -1.55 -28.49
C ALA A 13 -5.67 -1.17 -27.67
N ALA A 14 -5.85 -0.35 -26.63
CA ALA A 14 -4.69 0.08 -25.84
C ALA A 14 -3.99 -1.09 -25.18
N THR A 15 -4.74 -2.10 -24.75
CA THR A 15 -4.20 -3.24 -24.01
C THR A 15 -3.94 -4.43 -24.91
N ASN A 16 -3.92 -4.21 -26.23
CA ASN A 16 -3.68 -5.28 -27.19
C ASN A 16 -4.72 -6.38 -27.02
N SER A 17 -5.99 -5.96 -26.95
CA SER A 17 -7.13 -6.86 -26.71
C SER A 17 -7.00 -7.61 -25.39
N PHE A 18 -6.68 -6.85 -24.33
CA PHE A 18 -6.54 -7.37 -22.97
C PHE A 18 -5.69 -8.64 -22.94
N ASP A 19 -4.53 -8.56 -23.58
CA ASP A 19 -3.71 -9.75 -23.73
C ASP A 19 -3.11 -10.15 -22.39
N GLN A 20 -3.04 -11.47 -22.16
CA GLN A 20 -2.46 -12.00 -20.93
C GLN A 20 -1.06 -11.47 -20.72
N GLY A 21 -0.33 -11.22 -21.82
CA GLY A 21 1.02 -10.72 -21.69
C GLY A 21 1.11 -9.26 -21.31
N ASN A 22 -0.02 -8.53 -21.29
CA ASN A 22 -0.02 -7.17 -20.78
C ASN A 22 -0.46 -7.09 -19.33
N VAL A 23 -0.77 -8.22 -18.70
CA VAL A 23 -1.23 -8.22 -17.32
C VAL A 23 -0.05 -7.84 -16.42
N ILE A 24 -0.17 -6.74 -15.70
CA ILE A 24 0.82 -6.28 -14.74
C ILE A 24 0.35 -6.42 -13.32
N GLY A 25 -0.85 -6.96 -13.11
CA GLY A 25 -1.37 -7.11 -11.78
C GLY A 25 -2.70 -7.81 -11.80
N SER A 26 -2.99 -8.55 -10.72
CA SER A 26 -4.14 -9.44 -10.69
C SER A 26 -4.65 -9.53 -9.26
N SER A 27 -5.97 -9.68 -9.14
CA SER A 27 -6.60 -10.09 -7.90
C SER A 27 -7.88 -10.80 -8.29
N ASN A 28 -8.64 -11.24 -7.30
CA ASN A 28 -9.93 -11.85 -7.60
C ASN A 28 -10.91 -10.86 -8.16
N LEU A 29 -10.73 -9.57 -7.86
CA LEU A 29 -11.69 -8.56 -8.26
C LEU A 29 -11.27 -7.75 -9.48
N SER A 30 -10.01 -7.79 -9.89
CA SER A 30 -9.66 -7.03 -11.06
C SER A 30 -8.41 -7.59 -11.70
N THR A 31 -8.17 -7.16 -12.93
CA THR A 31 -6.95 -7.46 -13.66
C THR A 31 -6.44 -6.13 -14.18
N VAL A 32 -5.15 -5.87 -13.95
CA VAL A 32 -4.54 -4.61 -14.36
C VAL A 32 -3.66 -4.91 -15.56
N TYR A 33 -3.79 -4.07 -16.59
CA TYR A 33 -3.10 -4.29 -17.85
C TYR A 33 -2.24 -3.07 -18.15
N LYS A 34 -1.07 -3.32 -18.72
CA LYS A 34 -0.33 -2.23 -19.33
C LYS A 34 -1.07 -1.81 -20.58
N GLY A 35 -1.14 -0.51 -20.82
CA GLY A 35 -1.78 -0.02 -22.02
C GLY A 35 -1.02 1.19 -22.59
N VAL A 36 -1.27 1.42 -23.86
CA VAL A 36 -0.79 2.62 -24.53
C VAL A 36 -1.95 3.21 -25.32
N LEU A 37 -2.26 4.48 -25.07
CA LEU A 37 -3.45 5.09 -25.66
C LEU A 37 -3.20 5.45 -27.12
N GLY A 43 -1.72 10.46 -26.96
CA GLY A 43 -0.50 10.72 -27.71
C GLY A 43 0.61 9.72 -27.45
N GLY A 44 0.26 8.43 -27.37
CA GLY A 44 1.21 7.40 -26.99
C GLY A 44 1.43 7.28 -25.49
N VAL A 46 1.51 6.01 -21.89
CA VAL A 46 1.46 4.68 -21.27
C VAL A 46 0.61 4.76 -20.02
N VAL A 47 -0.30 3.79 -19.87
CA VAL A 47 -1.29 3.78 -18.81
C VAL A 47 -1.39 2.37 -18.24
N ALA A 48 -1.98 2.27 -17.06
CA ALA A 48 -2.44 1.01 -16.50
C ALA A 48 -3.97 0.99 -16.55
N VAL A 49 -4.51 -0.12 -17.02
CA VAL A 49 -5.96 -0.28 -17.13
C VAL A 49 -6.37 -1.32 -16.10
N LYS A 50 -7.06 -0.85 -15.07
CA LYS A 50 -7.55 -1.73 -14.00
C LYS A 50 -8.99 -2.11 -14.36
N ARG A 51 -9.20 -3.35 -14.73
CA ARG A 51 -10.48 -3.81 -15.25
C ARG A 51 -11.16 -4.67 -14.19
N LEU A 52 -12.30 -4.19 -13.70
CA LEU A 52 -13.02 -4.94 -12.68
C LEU A 52 -13.59 -6.23 -13.25
N ASN A 53 -13.65 -7.25 -12.40
CA ASN A 53 -14.19 -8.57 -12.75
C ASN A 53 -15.71 -8.54 -12.60
N LEU A 54 -16.37 -7.91 -13.59
CA LEU A 54 -17.83 -7.77 -13.57
C LEU A 54 -18.53 -9.12 -13.64
N GLU A 55 -18.02 -10.04 -14.46
CA GLU A 55 -18.73 -11.29 -14.73
C GLU A 55 -18.85 -12.13 -13.46
N GLN A 56 -17.78 -12.25 -12.68
CA GLN A 56 -17.80 -13.09 -11.50
C GLN A 56 -18.29 -12.37 -10.26
N PHE A 57 -17.95 -11.09 -10.08
CA PHE A 57 -18.26 -10.39 -8.84
C PHE A 57 -18.90 -9.05 -9.17
N PRO A 58 -20.13 -9.07 -9.70
CA PRO A 58 -20.72 -7.81 -10.17
C PRO A 58 -20.90 -6.77 -9.07
N SER A 59 -21.37 -7.16 -7.88
CA SER A 59 -21.74 -6.10 -6.96
C SER A 59 -20.53 -5.47 -6.26
N LYS A 60 -19.49 -6.22 -5.92
CA LYS A 60 -18.35 -5.46 -5.40
C LYS A 60 -17.49 -4.86 -6.47
N SER A 61 -17.49 -5.44 -7.67
CA SER A 61 -16.89 -4.72 -8.79
C SER A 61 -17.47 -3.31 -8.84
N ASP A 62 -18.81 -3.22 -8.79
CA ASP A 62 -19.47 -1.93 -8.80
C ASP A 62 -19.07 -1.07 -7.61
N LYS A 63 -19.06 -1.64 -6.41
CA LYS A 63 -18.72 -0.85 -5.23
C LYS A 63 -17.29 -0.34 -5.33
N CYS A 64 -16.36 -1.22 -5.68
CA CYS A 64 -14.96 -0.79 -5.71
C CYS A 64 -14.69 0.12 -6.89
N PHE A 65 -15.36 -0.13 -8.02
CA PHE A 65 -15.23 0.76 -9.17
C PHE A 65 -15.66 2.17 -8.83
N LEU A 66 -16.91 2.31 -8.35
CA LEU A 66 -17.44 3.64 -8.07
C LEU A 66 -16.66 4.33 -6.94
N THR A 67 -16.25 3.57 -5.93
CA THR A 67 -15.44 4.14 -4.87
C THR A 67 -14.12 4.68 -5.42
N GLU A 68 -13.38 3.83 -6.14
CA GLU A 68 -12.10 4.27 -6.68
C GLU A 68 -12.30 5.47 -7.59
N LEU A 69 -13.32 5.44 -8.43
CA LEU A 69 -13.52 6.51 -9.41
C LEU A 69 -13.89 7.82 -8.73
N ALA A 70 -14.85 7.79 -7.81
CA ALA A 70 -15.26 9.02 -7.11
C ALA A 70 -14.12 9.58 -6.27
N THR A 71 -13.40 8.71 -5.55
CA THR A 71 -12.34 9.17 -4.67
C THR A 71 -11.15 9.69 -5.47
N LEU A 72 -10.63 8.85 -6.38
CA LEU A 72 -9.36 9.19 -7.01
C LEU A 72 -9.50 10.36 -7.96
N SER A 73 -10.70 10.57 -8.51
CA SER A 73 -10.91 11.71 -9.39
C SER A 73 -10.93 13.04 -8.66
N ARG A 74 -11.09 13.04 -7.34
CA ARG A 74 -11.11 14.26 -6.56
C ARG A 74 -9.76 14.60 -5.95
N LEU A 75 -8.83 13.64 -5.89
CA LEU A 75 -7.59 13.79 -5.16
C LEU A 75 -6.42 14.03 -6.11
N ARG A 76 -5.40 14.72 -5.62
CA ARG A 76 -4.15 14.74 -6.34
C ARG A 76 -3.03 15.07 -5.36
N HIS A 77 -1.89 14.44 -5.55
CA HIS A 77 -0.71 14.63 -4.73
C HIS A 77 0.40 13.81 -5.33
N LYS A 78 1.63 14.28 -5.18
CA LYS A 78 2.74 13.63 -5.87
C LYS A 78 2.95 12.19 -5.41
N ASN A 79 2.43 11.82 -4.24
CA ASN A 79 2.62 10.47 -3.70
C ASN A 79 1.34 9.65 -3.75
N LEU A 80 0.41 10.06 -4.61
CA LEU A 80 -0.80 9.31 -4.93
C LEU A 80 -0.78 8.87 -6.39
N ALA A 81 -1.35 7.69 -6.64
CA ALA A 81 -1.66 7.30 -8.00
C ALA A 81 -2.52 8.37 -8.66
N ARG A 82 -2.49 8.45 -9.99
CA ARG A 82 -3.25 9.43 -10.74
C ARG A 82 -4.19 8.74 -11.71
N VAL A 83 -5.45 9.16 -11.71
CA VAL A 83 -6.46 8.64 -12.63
C VAL A 83 -6.44 9.47 -13.91
N VAL A 84 -6.43 8.77 -15.06
CA VAL A 84 -6.44 9.43 -16.36
C VAL A 84 -7.88 9.47 -16.87
N GLY A 85 -8.62 8.41 -16.56
CA GLY A 85 -9.97 8.30 -17.04
C GLY A 85 -10.56 6.97 -16.63
N TYR A 86 -11.64 6.59 -17.31
CA TYR A 86 -12.38 5.40 -16.94
C TYR A 86 -13.17 4.94 -18.16
N ALA A 87 -13.54 3.65 -18.15
CA ALA A 87 -14.56 3.12 -19.02
C ALA A 87 -15.70 2.59 -18.17
N TRP A 88 -16.93 2.78 -18.66
CA TRP A 88 -18.13 2.48 -17.88
C TRP A 88 -19.20 2.02 -18.86
N GLU A 89 -19.30 0.72 -19.07
CA GLU A 89 -20.31 0.11 -19.93
C GLU A 89 -20.84 -1.10 -19.18
N ALA A 90 -21.96 -0.91 -18.47
CA ALA A 90 -22.54 -1.98 -17.66
C ALA A 90 -22.62 -3.27 -18.47
N GLY A 91 -22.29 -4.37 -17.80
CA GLY A 91 -22.25 -5.67 -18.46
C GLY A 91 -21.10 -5.89 -19.41
N LYS A 92 -20.34 -4.85 -19.77
CA LYS A 92 -19.23 -5.00 -20.72
C LYS A 92 -17.89 -4.65 -20.08
N ILE A 93 -17.70 -3.43 -19.59
CA ILE A 93 -16.42 -3.11 -18.96
C ILE A 93 -16.63 -1.97 -17.96
N LYS A 94 -16.01 -2.11 -16.80
CA LYS A 94 -15.78 -1.01 -15.88
C LYS A 94 -14.28 -1.00 -15.56
N ALA A 95 -13.60 0.08 -15.92
CA ALA A 95 -12.16 0.08 -15.80
C ALA A 95 -11.71 1.48 -15.42
N LEU A 96 -10.63 1.54 -14.64
CA LEU A 96 -9.94 2.78 -14.36
C LEU A 96 -8.73 2.82 -15.25
N VAL A 97 -8.46 3.99 -15.83
CA VAL A 97 -7.24 4.22 -16.58
C VAL A 97 -6.34 5.08 -15.72
N LEU A 98 -5.17 4.55 -15.37
CA LEU A 98 -4.29 5.16 -14.40
C LEU A 98 -2.93 5.47 -15.01
N ASP A 99 -2.24 6.45 -14.43
CA ASP A 99 -0.84 6.66 -14.77
C ASP A 99 -0.06 5.37 -14.56
N TYR A 100 0.72 4.99 -15.57
CA TYR A 100 1.49 3.75 -15.50
C TYR A 100 2.73 3.92 -14.64
N VAL A 102 6.14 2.40 -13.77
CA VAL A 102 6.98 1.46 -14.51
C VAL A 102 7.73 0.49 -13.60
N ASN A 103 7.95 0.82 -12.32
CA ASN A 103 8.72 -0.07 -11.47
C ASN A 103 7.85 -0.90 -10.53
N GLY A 104 6.57 -1.10 -10.88
CA GLY A 104 5.76 -2.10 -10.19
C GLY A 104 5.35 -1.63 -8.80
N ASP A 105 5.16 -2.59 -7.90
CA ASP A 105 4.68 -2.31 -6.55
C ASP A 105 5.73 -2.69 -5.51
N LEU A 106 5.48 -2.22 -4.28
CA LEU A 106 6.45 -2.42 -3.21
C LEU A 106 6.50 -3.88 -2.77
N ASP A 107 5.37 -4.60 -2.90
CA ASP A 107 5.38 -6.02 -2.58
C ASP A 107 6.40 -6.75 -3.46
N GLY A 108 6.42 -6.44 -4.76
CA GLY A 108 7.39 -7.06 -5.65
C GLY A 108 8.81 -6.64 -5.32
N ALA A 109 8.98 -5.39 -4.88
CA ALA A 109 10.31 -4.91 -4.52
C ALA A 109 10.84 -5.59 -3.26
N ILE A 110 9.95 -5.96 -2.33
CA ILE A 110 10.39 -6.57 -1.07
C ILE A 110 10.59 -8.06 -1.26
N HIS A 111 9.70 -8.70 -2.00
CA HIS A 111 9.74 -10.13 -2.20
C HIS A 111 10.04 -10.46 -3.65
N PRO A 121 24.31 -5.42 -6.69
CA PRO A 121 23.80 -5.19 -5.33
C PRO A 121 22.39 -4.56 -5.33
N SER A 122 21.56 -4.93 -4.36
CA SER A 122 20.17 -4.49 -4.36
C SER A 122 20.08 -2.99 -4.11
N ARG A 123 19.12 -2.34 -4.77
CA ARG A 123 18.93 -0.91 -4.56
C ARG A 123 18.27 -0.61 -3.21
N TRP A 124 17.72 -1.62 -2.52
CA TRP A 124 16.85 -1.38 -1.37
C TRP A 124 17.67 -1.39 -0.08
N THR A 125 18.51 -0.36 0.02
CA THR A 125 19.28 -0.09 1.22
C THR A 125 18.35 0.46 2.32
N VAL A 126 18.92 0.61 3.51
CA VAL A 126 18.12 1.18 4.61
C VAL A 126 17.65 2.58 4.25
N ARG A 127 18.51 3.38 3.63
CA ARG A 127 18.12 4.74 3.25
C ARG A 127 17.00 4.73 2.21
N GLU A 128 17.09 3.83 1.23
CA GLU A 128 16.06 3.78 0.20
C GLU A 128 14.71 3.32 0.76
N ARG A 129 14.74 2.39 1.72
CA ARG A 129 13.48 1.97 2.33
C ARG A 129 12.92 3.06 3.23
N LEU A 130 13.79 3.81 3.92
CA LEU A 130 13.34 4.97 4.66
C LEU A 130 12.69 5.99 3.74
N ARG A 131 13.25 6.16 2.53
CA ARG A 131 12.70 7.09 1.57
C ARG A 131 11.29 6.69 1.16
N VAL A 132 11.05 5.38 1.01
CA VAL A 132 9.72 4.91 0.65
C VAL A 132 8.75 5.21 1.77
N CYS A 133 9.15 4.95 3.01
CA CYS A 133 8.30 5.25 4.16
C CYS A 133 7.90 6.73 4.15
N VAL A 134 8.87 7.60 3.90
CA VAL A 134 8.59 9.04 3.88
C VAL A 134 7.58 9.37 2.79
N SER A 135 7.80 8.83 1.59
CA SER A 135 6.90 9.08 0.47
C SER A 135 5.49 8.60 0.76
N VAL A 136 5.35 7.35 1.22
CA VAL A 136 4.03 6.85 1.59
C VAL A 136 3.41 7.74 2.66
N ALA A 137 4.22 8.17 3.63
CA ALA A 137 3.69 9.01 4.69
C ALA A 137 3.14 10.31 4.14
N HIS A 138 3.84 10.91 3.16
CA HIS A 138 3.33 12.11 2.51
C HIS A 138 1.99 11.83 1.85
N GLY A 139 1.87 10.72 1.14
CA GLY A 139 0.58 10.36 0.55
C GLY A 139 -0.51 10.24 1.59
N LEU A 140 -0.20 9.60 2.73
CA LEU A 140 -1.21 9.38 3.75
C LEU A 140 -1.55 10.66 4.49
N VAL A 141 -0.57 11.52 4.73
CA VAL A 141 -0.87 12.82 5.32
C VAL A 141 -1.84 13.58 4.43
N TYR A 142 -1.62 13.53 3.12
CA TYR A 142 -2.52 14.24 2.22
C TYR A 142 -3.93 13.63 2.25
N LEU A 143 -4.02 12.30 2.16
CA LEU A 143 -5.33 11.65 2.26
C LEU A 143 -6.06 12.09 3.52
N HIS A 144 -5.37 12.14 4.65
CA HIS A 144 -6.06 12.35 5.91
C HIS A 144 -6.40 13.80 6.16
N SER A 145 -5.66 14.74 5.58
CA SER A 145 -5.94 16.13 5.89
C SER A 145 -5.67 17.12 4.77
N GLY A 146 -5.19 16.69 3.60
CA GLY A 146 -4.93 17.61 2.50
C GLY A 146 -6.12 17.93 1.63
N TYR A 147 -7.20 17.16 1.71
CA TYR A 147 -8.39 17.40 0.92
C TYR A 147 -9.48 18.00 1.80
N ASP A 148 -10.58 18.39 1.16
CA ASP A 148 -11.70 19.02 1.88
C ASP A 148 -12.26 18.13 2.97
N PHE A 149 -12.24 16.81 2.78
CA PHE A 149 -12.64 15.86 3.80
C PHE A 149 -11.53 14.83 3.97
N PRO A 150 -11.39 14.25 5.18
CA PRO A 150 -10.45 13.15 5.36
C PRO A 150 -10.82 11.96 4.50
N VAL A 151 -9.84 11.43 3.78
CA VAL A 151 -9.99 10.17 3.05
C VAL A 151 -9.20 9.12 3.79
N VAL A 152 -9.87 8.05 4.21
CA VAL A 152 -9.22 6.90 4.83
C VAL A 152 -9.06 5.85 3.74
N HIS A 153 -7.82 5.41 3.52
CA HIS A 153 -7.54 4.52 2.39
C HIS A 153 -8.06 3.11 2.64
N CYS A 154 -7.82 2.58 3.84
CA CYS A 154 -8.34 1.32 4.37
C CYS A 154 -7.68 0.07 3.78
N ALA A 155 -6.73 0.21 2.87
CA ALA A 155 -6.02 -0.96 2.38
C ALA A 155 -4.55 -0.68 2.18
N VAL A 156 -3.95 0.05 3.11
CA VAL A 156 -2.52 0.34 3.02
C VAL A 156 -1.73 -0.96 3.20
N LYS A 157 -0.90 -1.29 2.21
CA LYS A 157 -0.09 -2.50 2.16
C LYS A 157 0.86 -2.37 0.98
N PRO A 158 1.97 -3.12 0.97
CA PRO A 158 2.96 -2.93 -0.11
C PRO A 158 2.41 -3.10 -1.52
N SER A 159 1.46 -4.01 -1.75
CA SER A 159 0.95 -4.14 -3.10
C SER A 159 0.11 -2.94 -3.52
N ASN A 160 -0.26 -2.06 -2.59
CA ASN A 160 -0.95 -0.83 -2.95
C ASN A 160 -0.03 0.38 -2.86
N VAL A 161 1.27 0.16 -2.98
CA VAL A 161 2.27 1.22 -3.12
C VAL A 161 3.00 0.96 -4.43
N LEU A 162 2.90 1.88 -5.36
CA LEU A 162 3.52 1.73 -6.67
C LEU A 162 4.78 2.58 -6.75
N LEU A 163 5.63 2.24 -7.71
CA LEU A 163 6.94 2.87 -7.83
C LEU A 163 7.13 3.47 -9.22
N ASP A 164 7.43 4.78 -9.24
CA ASP A 164 7.79 5.63 -10.36
C ASP A 164 8.97 5.16 -11.18
N GLY A 165 9.18 5.79 -12.34
CA GLY A 165 10.47 5.70 -13.02
C GLY A 165 11.63 6.18 -12.17
N ASP A 166 11.36 7.10 -11.24
CA ASP A 166 12.35 7.60 -10.29
C ASP A 166 12.33 6.84 -8.96
N TRP A 167 11.63 5.70 -8.90
CA TRP A 167 11.48 4.92 -7.67
C TRP A 167 10.78 5.69 -6.56
N GLU A 168 9.99 6.70 -6.93
CA GLU A 168 9.17 7.41 -5.96
C GLU A 168 7.88 6.62 -5.69
N ALA A 169 7.58 6.42 -4.42
CA ALA A 169 6.42 5.62 -4.01
C ALA A 169 5.13 6.43 -4.18
N ARG A 170 4.08 5.74 -4.61
CA ARG A 170 2.76 6.34 -4.81
C ARG A 170 1.72 5.42 -4.18
N VAL A 171 0.89 5.97 -3.31
CA VAL A 171 -0.22 5.24 -2.72
C VAL A 171 -1.26 5.01 -3.81
N SER A 172 -1.65 3.75 -4.02
CA SER A 172 -2.59 3.41 -5.07
C SER A 172 -3.73 2.55 -4.54
N ASP A 173 -4.66 2.23 -5.44
CA ASP A 173 -5.81 1.37 -5.20
C ASP A 173 -6.77 2.01 -4.21
N PHE A 174 -7.70 2.82 -4.71
CA PHE A 174 -8.66 3.50 -3.86
C PHE A 174 -10.02 2.81 -3.86
N GLY A 175 -10.03 1.50 -4.15
CA GLY A 175 -11.27 0.74 -4.21
C GLY A 175 -11.93 0.53 -2.85
N THR A 176 -11.22 0.81 -1.75
CA THR A 176 -11.79 0.64 -0.42
C THR A 176 -11.77 1.94 0.36
N ALA A 177 -11.52 3.05 -0.31
CA ALA A 177 -11.37 4.31 0.39
C ALA A 177 -12.70 4.77 0.96
N ARG A 178 -12.64 5.46 2.09
CA ARG A 178 -13.83 6.09 2.65
C ARG A 178 -13.55 7.57 2.85
N LEU A 180 -14.72 10.78 4.94
CA LEU A 180 -15.41 11.08 6.19
C LEU A 180 -16.11 12.44 6.04
N GLY A 181 -17.45 12.42 6.02
CA GLY A 181 -18.23 13.64 5.90
C GLY A 181 -19.23 13.66 4.75
N SER A 198 2.39 -22.29 10.72
CA SER A 198 2.19 -21.37 9.58
C SER A 198 1.56 -20.05 10.07
N SER A 199 1.13 -19.20 9.11
CA SER A 199 0.79 -17.77 9.25
C SER A 199 0.06 -17.39 10.54
N ALA A 200 -0.22 -16.06 10.71
CA ALA A 200 -1.13 -15.69 11.81
C ALA A 200 -2.39 -14.95 11.38
N PHE A 201 -2.42 -14.46 10.18
CA PHE A 201 -3.56 -13.82 9.59
C PHE A 201 -3.32 -13.99 8.11
N ARG A 202 -4.27 -14.54 7.37
CA ARG A 202 -3.69 -14.73 6.06
C ARG A 202 -4.10 -13.57 5.15
N GLY A 203 -3.57 -13.61 3.94
CA GLY A 203 -3.72 -12.54 2.98
C GLY A 203 -3.47 -11.18 3.56
N THR A 204 -4.46 -10.33 3.44
CA THR A 204 -4.37 -8.91 3.73
C THR A 204 -4.74 -8.57 5.17
N VAL A 205 -5.17 -9.56 5.96
CA VAL A 205 -5.72 -9.28 7.28
C VAL A 205 -4.65 -8.76 8.21
N GLY A 206 -3.40 -9.22 8.03
CA GLY A 206 -2.32 -8.79 8.88
C GLY A 206 -2.05 -7.30 8.83
N TYR A 207 -2.52 -6.60 7.79
CA TYR A 207 -2.31 -5.16 7.66
C TYR A 207 -3.37 -4.34 8.35
N ALA A 209 -5.99 -2.76 11.01
CA ALA A 209 -6.25 -2.42 12.40
C ALA A 209 -7.31 -3.36 12.96
N PRO A 210 -7.14 -3.85 14.18
CA PRO A 210 -8.17 -4.76 14.73
C PRO A 210 -9.58 -4.20 14.69
N GLU A 211 -9.78 -2.92 15.00
CA GLU A 211 -11.13 -2.38 14.98
C GLU A 211 -11.68 -2.34 13.56
N PHE A 212 -10.80 -2.20 12.57
CA PHE A 212 -11.24 -2.25 11.19
C PHE A 212 -11.55 -3.70 10.77
N ALA A 213 -10.64 -4.63 11.07
CA ALA A 213 -10.87 -6.01 10.62
C ALA A 213 -12.11 -6.61 11.27
N TYR A 214 -12.30 -6.36 12.58
CA TYR A 214 -13.35 -7.03 13.35
C TYR A 214 -14.67 -6.29 13.33
N ARG A 216 -15.21 -3.20 11.23
CA ARG A 216 -15.29 -2.27 10.10
C ARG A 216 -15.30 -0.82 10.56
N THR A 217 -14.78 -0.53 11.75
CA THR A 217 -14.65 0.85 12.19
C THR A 217 -13.63 1.56 11.32
N VAL A 218 -13.96 2.77 10.87
CA VAL A 218 -13.09 3.51 9.98
C VAL A 218 -12.76 4.85 10.60
N SER A 219 -11.46 5.12 10.75
CA SER A 219 -10.91 6.38 11.22
C SER A 219 -9.56 6.54 10.53
N THR A 220 -8.98 7.74 10.60
CA THR A 220 -7.66 7.88 10.00
C THR A 220 -6.64 6.98 10.70
N LYS A 221 -6.91 6.60 11.95
CA LYS A 221 -6.01 5.72 12.68
C LYS A 221 -5.92 4.32 12.10
N VAL A 222 -6.92 3.86 11.33
CA VAL A 222 -6.76 2.54 10.73
C VAL A 222 -5.64 2.55 9.69
N ASP A 223 -5.45 3.68 8.98
CA ASP A 223 -4.32 3.77 8.04
C ASP A 223 -3.01 3.89 8.77
N VAL A 224 -2.99 4.57 9.92
CA VAL A 224 -1.76 4.67 10.70
C VAL A 224 -1.29 3.28 11.09
N PHE A 225 -2.22 2.44 11.56
CA PHE A 225 -1.89 1.07 11.91
C PHE A 225 -1.26 0.34 10.73
N SER A 226 -1.95 0.34 9.58
CA SER A 226 -1.49 -0.38 8.40
C SER A 226 -0.14 0.14 7.94
N PHE A 227 0.06 1.44 8.04
CA PHE A 227 1.37 2.00 7.71
C PHE A 227 2.45 1.43 8.63
N GLY A 228 2.16 1.34 9.94
CA GLY A 228 3.08 0.68 10.84
C GLY A 228 3.43 -0.72 10.37
N VAL A 229 2.42 -1.48 9.96
CA VAL A 229 2.67 -2.85 9.54
C VAL A 229 3.47 -2.86 8.24
N LEU A 230 3.11 -1.98 7.29
CA LEU A 230 3.87 -1.87 6.05
C LEU A 230 5.35 -1.62 6.35
N ALA A 231 5.63 -0.68 7.26
CA ALA A 231 7.01 -0.33 7.56
C ALA A 231 7.73 -1.51 8.19
N GLU A 233 7.07 -4.77 7.65
CA GLU A 233 7.34 -5.69 6.54
C GLU A 233 8.47 -5.17 5.66
N LEU A 234 8.49 -3.85 5.42
CA LEU A 234 9.52 -3.29 4.56
C LEU A 234 10.91 -3.49 5.15
N PHE A 235 11.05 -3.41 6.47
CA PHE A 235 12.37 -3.54 7.06
C PHE A 235 12.71 -4.95 7.52
N THR A 236 11.72 -5.80 7.82
CA THR A 236 12.01 -7.18 8.18
C THR A 236 11.96 -8.12 6.98
N GLY A 237 11.34 -7.70 5.88
CA GLY A 237 11.06 -8.59 4.79
C GLY A 237 9.97 -9.62 5.05
N ARG A 238 9.27 -9.54 6.18
CA ARG A 238 8.27 -10.56 6.55
C ARG A 238 6.86 -10.04 6.30
N ARG A 239 6.07 -10.79 5.55
CA ARG A 239 4.65 -10.48 5.45
C ARG A 239 4.02 -10.53 6.83
N PRO A 240 3.00 -9.70 7.09
CA PRO A 240 2.45 -9.62 8.44
C PRO A 240 1.53 -10.79 8.72
N THR A 241 1.77 -11.91 8.05
CA THR A 241 0.95 -13.06 8.33
C THR A 241 1.08 -13.45 9.79
N GLY A 242 2.26 -13.36 10.39
CA GLY A 242 2.48 -13.84 11.75
C GLY A 242 2.60 -15.37 11.77
N THR A 243 2.68 -15.95 12.97
CA THR A 243 2.78 -17.41 13.09
C THR A 243 2.03 -17.92 14.31
N ILE A 244 1.30 -19.04 14.16
CA ILE A 244 0.79 -19.74 15.35
C ILE A 244 1.94 -20.55 15.93
N GLU A 245 2.38 -20.17 17.10
CA GLU A 245 3.39 -20.97 17.77
C GLU A 245 2.74 -22.24 18.30
N GLU A 246 3.55 -23.12 18.89
CA GLU A 246 3.03 -24.46 19.08
C GLU A 246 2.19 -24.62 20.34
N ASP A 247 2.10 -23.60 21.19
CA ASP A 247 1.01 -23.57 22.18
C ASP A 247 -0.31 -23.06 21.59
N GLY A 248 -0.35 -22.79 20.29
CA GLY A 248 -1.56 -22.26 19.65
C GLY A 248 -1.77 -20.77 19.79
N VAL A 249 -0.77 -20.05 20.29
CA VAL A 249 -0.87 -18.60 20.49
C VAL A 249 -0.16 -17.91 19.28
N PRO A 250 -0.83 -16.95 18.64
CA PRO A 250 -0.19 -16.33 17.47
C PRO A 250 0.87 -15.33 17.88
N LEU A 251 1.96 -15.32 17.13
CA LEU A 251 3.00 -14.30 17.24
C LEU A 251 2.83 -13.37 16.05
N THR A 252 2.29 -12.19 16.30
CA THR A 252 2.12 -11.22 15.21
C THR A 252 3.47 -10.63 14.82
N LEU A 253 3.53 -10.10 13.59
CA LEU A 253 4.71 -9.31 13.19
C LEU A 253 5.00 -8.21 14.21
N GLN A 254 3.95 -7.53 14.69
CA GLN A 254 4.17 -6.46 15.66
C GLN A 254 4.89 -6.96 16.90
N GLN A 255 4.49 -8.13 17.42
CA GLN A 255 5.10 -8.70 18.61
C GLN A 255 6.53 -9.13 18.35
N LEU A 256 6.79 -9.71 17.16
CA LEU A 256 8.15 -10.03 16.78
C LEU A 256 9.03 -8.78 16.78
N VAL A 257 8.53 -7.71 16.17
CA VAL A 257 9.30 -6.48 16.13
C VAL A 257 9.42 -5.89 17.52
N ASP A 258 8.35 -5.94 18.31
CA ASP A 258 8.40 -5.43 19.68
C ASP A 258 9.47 -6.16 20.50
N ASN A 259 9.56 -7.48 20.37
CA ASN A 259 10.58 -8.23 21.10
C ASN A 259 11.97 -7.83 20.65
N ALA A 260 12.18 -7.68 19.33
CA ALA A 260 13.49 -7.31 18.82
C ALA A 260 13.89 -5.92 19.27
N VAL A 261 12.98 -4.94 19.16
CA VAL A 261 13.31 -3.58 19.59
C VAL A 261 13.63 -3.54 21.08
N SER A 262 12.91 -4.34 21.87
CA SER A 262 13.18 -4.37 23.30
C SER A 262 14.57 -4.91 23.62
N ARG A 263 15.14 -5.72 22.72
CA ARG A 263 16.46 -6.29 22.91
C ARG A 263 17.58 -5.42 22.31
N GLY A 264 17.30 -4.15 22.01
CA GLY A 264 18.33 -3.23 21.56
C GLY A 264 18.74 -3.42 20.11
N LEU A 265 19.81 -2.71 19.75
CA LEU A 265 20.26 -2.68 18.36
C LEU A 265 20.59 -4.07 17.83
N ASP A 266 21.10 -4.94 18.71
CA ASP A 266 21.43 -6.30 18.29
C ASP A 266 20.17 -7.12 18.09
N GLY A 267 19.14 -6.90 18.91
CA GLY A 267 17.86 -7.53 18.67
C GLY A 267 17.26 -7.11 17.34
N VAL A 268 17.25 -5.80 17.08
CA VAL A 268 16.74 -5.29 15.81
C VAL A 268 17.46 -5.93 14.63
N HIS A 269 18.81 -5.97 14.71
CA HIS A 269 19.60 -6.52 13.60
C HIS A 269 19.15 -7.93 13.26
N ALA A 270 18.86 -8.73 14.28
CA ALA A 270 18.46 -10.11 14.09
C ALA A 270 17.15 -10.22 13.32
N VAL A 271 16.28 -9.21 13.43
CA VAL A 271 14.97 -9.28 12.79
C VAL A 271 14.92 -8.58 11.42
N LEU A 272 15.95 -7.82 11.06
CA LEU A 272 15.92 -7.09 9.79
C LEU A 272 16.00 -8.06 8.59
N ASP A 273 15.49 -7.59 7.47
CA ASP A 273 15.52 -8.31 6.21
C ASP A 273 16.94 -8.79 5.90
N PRO A 274 17.18 -10.10 5.79
CA PRO A 274 18.52 -10.61 5.49
C PRO A 274 19.06 -10.15 4.13
N ARG A 275 18.20 -9.80 3.17
CA ARG A 275 18.68 -9.32 1.88
C ARG A 275 19.06 -7.86 1.91
N LYS A 277 21.35 -4.70 3.16
CA LYS A 277 22.70 -4.45 3.68
C LYS A 277 22.58 -3.66 4.98
N VAL A 278 23.14 -4.20 6.05
CA VAL A 278 23.13 -3.47 7.32
C VAL A 278 24.55 -3.52 7.88
N ALA A 279 25.40 -2.63 7.37
CA ALA A 279 26.83 -2.65 7.68
C ALA A 279 27.23 -1.54 8.63
N THR A 280 26.64 -0.37 8.49
CA THR A 280 27.05 0.77 9.29
C THR A 280 26.17 0.90 10.52
N GLU A 281 26.71 1.53 11.56
CA GLU A 281 25.89 1.87 12.71
C GLU A 281 24.69 2.71 12.30
N ALA A 282 24.89 3.65 11.36
CA ALA A 282 23.80 4.55 10.98
C ALA A 282 22.64 3.79 10.36
N ASP A 283 22.94 2.83 9.49
CA ASP A 283 21.89 2.07 8.84
C ASP A 283 21.12 1.22 9.85
N LEU A 284 21.82 0.61 10.80
CA LEU A 284 21.13 -0.17 11.81
C LEU A 284 20.32 0.73 12.73
N SER A 285 20.90 1.86 13.12
CA SER A 285 20.22 2.80 14.00
C SER A 285 18.98 3.38 13.32
N THR A 286 19.09 3.67 12.03
CA THR A 286 17.93 4.19 11.30
C THR A 286 16.82 3.14 11.24
N ALA A 287 17.19 1.90 10.92
CA ALA A 287 16.20 0.84 10.86
C ALA A 287 15.55 0.62 12.22
N ALA A 288 16.34 0.66 13.29
CA ALA A 288 15.78 0.55 14.64
C ALA A 288 14.79 1.67 14.91
N ASP A 289 15.10 2.88 14.46
CA ASP A 289 14.21 4.01 14.71
C ASP A 289 12.91 3.88 13.92
N VAL A 290 12.97 3.38 12.68
CA VAL A 290 11.75 3.15 11.91
C VAL A 290 10.87 2.14 12.63
N LEU A 291 11.46 1.04 13.10
CA LEU A 291 10.66 0.02 13.76
C LEU A 291 10.03 0.53 15.03
N ALA A 292 10.72 1.44 15.74
CA ALA A 292 10.11 2.04 16.91
C ALA A 292 8.92 2.91 16.51
N VAL A 293 9.05 3.67 15.42
CA VAL A 293 7.92 4.44 14.92
C VAL A 293 6.81 3.50 14.48
N ALA A 294 7.16 2.43 13.77
CA ALA A 294 6.16 1.51 13.27
C ALA A 294 5.40 0.86 14.41
N LEU A 295 6.10 0.57 15.53
CA LEU A 295 5.42 -0.01 16.68
C LEU A 295 4.39 0.95 17.27
N SER A 296 4.71 2.26 17.37
CA SER A 296 3.70 3.21 17.83
C SER A 296 2.52 3.27 16.88
N CYS A 297 2.79 3.24 15.57
CA CYS A 297 1.72 3.23 14.58
C CYS A 297 0.79 2.05 14.77
N ALA A 298 1.34 0.87 15.05
CA ALA A 298 0.56 -0.35 15.17
C ALA A 298 0.08 -0.60 16.60
N ALA A 299 -0.03 0.43 17.41
CA ALA A 299 -0.61 0.27 18.73
C ALA A 299 -2.01 -0.35 18.62
N PHE A 300 -2.35 -1.21 19.59
CA PHE A 300 -3.66 -1.85 19.52
C PHE A 300 -4.79 -0.82 19.66
N GLU A 301 -4.67 0.07 20.64
CA GLU A 301 -5.69 1.08 20.88
C GLU A 301 -5.55 2.23 19.88
N PRO A 302 -6.59 2.53 19.09
CA PRO A 302 -6.48 3.62 18.10
C PRO A 302 -6.02 4.94 18.69
N ALA A 303 -6.49 5.30 19.89
CA ALA A 303 -6.12 6.57 20.49
C ALA A 303 -4.64 6.63 20.85
N ASP A 304 -3.98 5.48 21.04
CA ASP A 304 -2.56 5.48 21.31
C ASP A 304 -1.71 5.63 20.05
N ARG A 305 -2.31 5.53 18.89
CA ARG A 305 -1.55 5.68 17.67
C ARG A 305 -1.33 7.17 17.37
N PRO A 306 -0.16 7.55 16.90
CA PRO A 306 0.03 8.93 16.43
C PRO A 306 -0.80 9.18 15.18
N ASP A 307 -0.96 10.46 14.85
CA ASP A 307 -1.46 10.86 13.55
C ASP A 307 -0.32 10.78 12.54
N GLY A 309 0.78 12.95 10.67
CA GLY A 309 1.63 14.12 10.73
C GLY A 309 2.84 13.92 11.64
N ALA A 310 2.59 13.41 12.85
CA ALA A 310 3.70 13.13 13.77
C ALA A 310 4.57 11.99 13.26
N VAL A 311 3.96 11.00 12.60
CA VAL A 311 4.74 9.95 11.96
C VAL A 311 5.68 10.54 10.92
N LEU A 312 5.13 11.35 10.01
CA LEU A 312 5.98 12.02 9.03
C LEU A 312 7.09 12.81 9.71
N SER A 313 6.75 13.57 10.75
CA SER A 313 7.75 14.32 11.50
C SER A 313 8.89 13.42 11.96
N SER A 314 8.55 12.31 12.61
CA SER A 314 9.59 11.40 13.09
C SER A 314 10.45 10.88 11.94
N LEU A 315 9.83 10.54 10.81
CA LEU A 315 10.60 10.02 9.69
C LEU A 315 11.47 11.09 9.04
N LEU A 316 10.99 12.33 9.00
CA LEU A 316 11.81 13.40 8.41
C LEU A 316 13.04 13.69 9.26
N LYS A 317 12.95 13.56 10.58
CA LYS A 317 14.14 13.76 11.42
C LYS A 317 15.17 12.67 11.19
N SER A 326 15.16 11.76 8.00
CA SER A 326 16.01 11.47 6.86
C SER A 326 17.22 12.40 6.83
N LYS A 327 17.30 13.30 7.81
CA LYS A 327 18.39 14.26 7.93
C LYS A 327 19.75 13.57 8.15
#